data_7ML9
#
_entry.id   7ML9
#
_cell.length_a   69.791
_cell.length_b   69.791
_cell.length_c   241.237
_cell.angle_alpha   90.000
_cell.angle_beta   90.000
_cell.angle_gamma   90.000
#
_symmetry.space_group_name_H-M   'P 43 2 2'
#
loop_
_entity.id
_entity.type
_entity.pdbx_description
1 polymer 'Insecticidal protein'
2 non-polymer 'SAMARIUM (III) ION'
3 non-polymer 'ACETATE ION'
4 non-polymer 1,2-ETHANEDIOL
5 non-polymer 'SODIUM ION'
6 water water
#
_entity_poly.entity_id   1
_entity_poly.type   'polypeptide(L)'
_entity_poly.pdbx_seq_one_letter_code
;MKKFASLILTSVFLFSSTQFVHASSTDVQERLRDLAREDEAGTFNEAWNTNFKPSDEQQFSYSPTEGIVFLTPPKNVIGE
RRISQYKVNNAWATLEGSPTEASGTPLYAGKNVLDNSKGTMDQELLTPEFNYTYTESTSNTTTHGLKLGVKTTATMKFPI
AQGSMEASTEYNFQNSSTDTKTKQVSYKSPSQKIKVPAGKTYRVLAYLNTGSISGEANLYANVGGIAWRVSPGYPNGGGV
NIGAVLTKCQQKGWGDFRNFQPSGRDVIVKGQGTFKSNYGTDFILKIEDITDSKLRNNNGSGTVVQEIKVPLIRTEIHHH
HAHHH
;
_entity_poly.pdbx_strand_id   A
#
# COMPACT_ATOMS: atom_id res chain seq x y z
N SER A 24 -3.99 -2.12 13.76
CA SER A 24 -3.06 -2.63 14.76
C SER A 24 -1.68 -2.00 14.56
N SER A 25 -0.80 -2.12 15.56
CA SER A 25 0.54 -1.56 15.50
C SER A 25 1.55 -2.52 16.11
N THR A 26 2.76 -2.50 15.57
CA THR A 26 3.89 -3.19 16.18
C THR A 26 4.82 -2.13 16.73
N ASP A 27 5.05 -2.15 18.04
CA ASP A 27 6.02 -1.27 18.68
C ASP A 27 7.38 -1.93 18.49
N VAL A 28 8.10 -1.50 17.45
CA VAL A 28 9.28 -2.24 17.01
C VAL A 28 10.37 -2.23 18.09
N GLN A 29 10.62 -1.08 18.71
CA GLN A 29 11.66 -1.03 19.73
C GLN A 29 11.32 -1.93 20.92
N GLU A 30 10.07 -1.91 21.37
CA GLU A 30 9.69 -2.77 22.50
C GLU A 30 9.77 -4.25 22.13
N ARG A 31 9.42 -4.60 20.88
CA ARG A 31 9.56 -6.00 20.48
C ARG A 31 11.02 -6.42 20.39
N LEU A 32 11.93 -5.53 19.99
CA LEU A 32 13.35 -5.85 20.02
C LEU A 32 13.85 -6.01 21.45
N ARG A 33 13.32 -5.22 22.38
CA ARG A 33 13.65 -5.43 23.79
C ARG A 33 13.15 -6.79 24.28
N ASP A 34 11.96 -7.20 23.84
CA ASP A 34 11.49 -8.53 24.22
CA ASP A 34 11.47 -8.52 24.23
C ASP A 34 12.31 -9.61 23.56
N LEU A 35 12.78 -9.38 22.34
CA LEU A 35 13.70 -10.32 21.69
C LEU A 35 14.92 -10.58 22.58
N ALA A 36 15.52 -9.50 23.13
CA ALA A 36 16.67 -9.70 24.04
C ALA A 36 16.25 -10.49 25.28
N ARG A 37 15.09 -10.17 25.86
CA ARG A 37 14.61 -10.91 27.03
C ARG A 37 14.35 -12.38 26.70
N GLU A 38 13.88 -12.68 25.48
CA GLU A 38 13.62 -14.08 25.12
C GLU A 38 14.91 -14.88 25.07
N ASP A 39 15.94 -14.34 24.42
CA ASP A 39 17.22 -15.02 24.32
C ASP A 39 17.82 -15.23 25.72
N GLU A 40 17.74 -14.21 26.57
CA GLU A 40 18.22 -14.32 27.95
C GLU A 40 17.56 -15.49 28.67
N ALA A 41 16.22 -15.46 28.77
CA ALA A 41 15.51 -16.51 29.50
C ALA A 41 15.70 -17.87 28.86
N GLY A 42 15.52 -17.96 27.53
CA GLY A 42 15.64 -19.26 26.87
C GLY A 42 17.00 -19.91 27.06
N THR A 43 18.07 -19.11 26.99
CA THR A 43 19.42 -19.66 27.10
C THR A 43 19.69 -20.21 28.50
N PHE A 44 19.27 -19.48 29.54
CA PHE A 44 19.39 -19.99 30.91
C PHE A 44 18.52 -21.22 31.11
N ASN A 45 17.36 -21.26 30.46
CA ASN A 45 16.49 -22.42 30.60
C ASN A 45 17.15 -23.66 30.05
N GLU A 46 17.92 -23.54 28.95
CA GLU A 46 18.68 -24.67 28.47
C GLU A 46 19.82 -25.01 29.44
N ALA A 47 20.50 -23.98 29.95
CA ALA A 47 21.66 -24.21 30.80
C ALA A 47 21.30 -24.89 32.10
N TRP A 48 20.13 -24.60 32.65
CA TRP A 48 19.79 -24.98 34.01
C TRP A 48 18.48 -25.74 34.11
N ASN A 49 17.80 -26.00 32.99
CA ASN A 49 16.50 -26.69 32.99
C ASN A 49 15.45 -25.94 33.81
N THR A 50 15.48 -24.62 33.73
CA THR A 50 14.53 -23.77 34.44
C THR A 50 13.36 -23.41 33.52
N ASN A 51 12.40 -22.66 34.05
CA ASN A 51 11.24 -22.18 33.29
C ASN A 51 11.09 -20.66 33.39
N PHE A 52 12.22 -19.94 33.31
CA PHE A 52 12.20 -18.48 33.35
C PHE A 52 11.42 -17.92 32.17
N LYS A 53 10.71 -16.80 32.40
CA LYS A 53 9.97 -16.05 31.38
C LYS A 53 10.76 -14.83 30.98
N PRO A 54 10.54 -14.27 29.77
CA PRO A 54 11.24 -13.03 29.39
C PRO A 54 10.79 -11.88 30.28
N SER A 55 11.76 -11.23 30.94
CA SER A 55 11.40 -10.24 31.94
C SER A 55 12.63 -9.45 32.37
N ASP A 56 12.39 -8.21 32.78
CA ASP A 56 13.38 -7.38 33.44
C ASP A 56 13.33 -7.53 34.96
N GLU A 57 12.33 -8.23 35.48
CA GLU A 57 12.17 -8.35 36.92
CA GLU A 57 12.12 -8.38 36.91
C GLU A 57 12.88 -9.58 37.45
N GLN A 58 13.24 -9.52 38.72
CA GLN A 58 13.86 -10.68 39.34
C GLN A 58 12.85 -11.82 39.37
N GLN A 59 13.30 -13.02 39.05
CA GLN A 59 12.41 -14.17 39.09
C GLN A 59 13.20 -15.38 39.56
N PHE A 60 12.47 -16.40 40.01
CA PHE A 60 13.07 -17.64 40.46
C PHE A 60 12.37 -18.80 39.78
N SER A 61 13.06 -19.94 39.77
CA SER A 61 12.50 -21.10 39.11
C SER A 61 13.19 -22.33 39.66
N TYR A 62 12.45 -23.43 39.73
CA TYR A 62 12.98 -24.66 40.30
C TYR A 62 13.58 -25.50 39.19
N SER A 63 14.87 -25.82 39.31
CA SER A 63 15.52 -26.67 38.34
C SER A 63 15.59 -28.09 38.89
N PRO A 64 15.06 -29.08 38.17
CA PRO A 64 15.18 -30.47 38.65
C PRO A 64 16.61 -30.92 38.83
N THR A 65 17.55 -30.25 38.18
CA THR A 65 18.96 -30.61 38.24
C THR A 65 19.79 -29.65 39.08
N GLU A 66 19.18 -28.63 39.68
CA GLU A 66 19.97 -27.55 40.29
C GLU A 66 19.30 -26.94 41.51
N GLY A 67 18.01 -27.15 41.69
CA GLY A 67 17.29 -26.51 42.77
C GLY A 67 16.72 -25.17 42.34
N ILE A 68 16.36 -24.36 43.35
CA ILE A 68 15.82 -23.03 43.07
C ILE A 68 16.93 -22.15 42.52
N VAL A 69 16.66 -21.52 41.38
CA VAL A 69 17.62 -20.69 40.69
C VAL A 69 17.00 -19.31 40.51
N PHE A 70 17.83 -18.28 40.56
CA PHE A 70 17.35 -16.91 40.44
C PHE A 70 17.90 -16.27 39.16
N LEU A 71 17.06 -15.44 38.55
CA LEU A 71 17.46 -14.61 37.41
C LEU A 71 17.14 -13.18 37.80
N THR A 72 18.18 -12.37 37.92
CA THR A 72 18.08 -10.96 38.32
C THR A 72 18.81 -10.14 37.27
N PRO A 73 18.12 -9.67 36.24
CA PRO A 73 18.77 -8.79 35.25
C PRO A 73 19.26 -7.50 35.90
N PRO A 74 20.52 -7.14 35.69
CA PRO A 74 21.06 -5.92 36.30
C PRO A 74 20.59 -4.66 35.58
N LYS A 75 20.73 -3.52 36.28
CA LYS A 75 20.35 -2.24 35.70
C LYS A 75 21.03 -2.01 34.37
N ASN A 76 22.21 -2.59 34.22
CA ASN A 76 23.01 -2.52 33.02
C ASN A 76 22.23 -2.86 31.74
N VAL A 77 21.30 -3.81 31.81
CA VAL A 77 20.63 -4.30 30.61
C VAL A 77 19.13 -4.06 30.61
N ILE A 78 18.53 -3.55 31.66
CA ILE A 78 17.07 -3.59 31.68
C ILE A 78 16.50 -2.35 30.99
N GLY A 79 15.22 -2.45 30.62
CA GLY A 79 14.50 -1.35 30.00
C GLY A 79 15.11 -0.93 28.68
N GLU A 80 15.29 0.39 28.53
CA GLU A 80 15.88 0.95 27.31
C GLU A 80 17.24 0.33 26.98
N ARG A 81 18.00 -0.10 27.98
CA ARG A 81 19.32 -0.65 27.70
C ARG A 81 19.31 -2.10 27.20
N ARG A 82 18.13 -2.68 26.96
CA ARG A 82 18.10 -3.96 26.26
C ARG A 82 18.57 -3.85 24.81
N ILE A 83 18.50 -2.65 24.22
CA ILE A 83 18.89 -2.45 22.83
C ILE A 83 19.77 -1.21 22.73
N SER A 84 20.87 -1.31 21.98
CA SER A 84 21.67 -0.13 21.70
C SER A 84 21.90 -0.08 20.20
N GLN A 85 22.31 1.09 19.71
CA GLN A 85 22.56 1.33 18.30
C GLN A 85 21.31 1.07 17.45
N TYR A 86 20.13 1.34 18.00
CA TYR A 86 18.90 1.16 17.26
C TYR A 86 18.82 2.18 16.14
N LYS A 87 18.48 1.74 14.93
CA LYS A 87 18.52 2.61 13.76
C LYS A 87 17.53 2.10 12.73
N VAL A 88 16.77 2.99 12.12
CA VAL A 88 15.98 2.62 10.95
C VAL A 88 16.88 2.85 9.74
N ASN A 89 17.24 1.77 9.05
CA ASN A 89 18.20 1.86 7.95
C ASN A 89 17.53 2.16 6.60
N ASN A 90 16.38 1.55 6.36
CA ASN A 90 15.64 1.81 5.14
CA ASN A 90 15.67 1.65 5.09
C ASN A 90 14.19 1.44 5.35
N ALA A 91 13.33 2.04 4.53
CA ALA A 91 11.91 1.71 4.58
C ALA A 91 11.36 1.76 3.17
N TRP A 92 10.47 0.82 2.83
CA TRP A 92 9.94 0.73 1.48
C TRP A 92 8.57 0.07 1.53
N ALA A 93 7.87 0.11 0.40
CA ALA A 93 6.53 -0.46 0.33
C ALA A 93 6.35 -1.05 -1.06
N THR A 94 5.75 -2.23 -1.12
CA THR A 94 5.60 -2.95 -2.37
C THR A 94 4.17 -3.43 -2.51
N LEU A 95 3.74 -3.56 -3.76
CA LEU A 95 2.42 -4.07 -4.06
C LEU A 95 2.31 -5.52 -3.60
N GLU A 96 1.20 -5.84 -2.96
CA GLU A 96 1.00 -7.15 -2.35
C GLU A 96 -0.14 -7.87 -3.05
N GLY A 97 0.18 -8.98 -3.72
CA GLY A 97 -0.84 -9.75 -4.40
C GLY A 97 -1.27 -9.11 -5.71
N SER A 98 -2.50 -9.44 -6.12
CA SER A 98 -3.12 -8.90 -7.32
C SER A 98 -4.20 -7.89 -6.94
N PRO A 99 -4.08 -6.62 -7.30
CA PRO A 99 -5.18 -5.68 -7.05
C PRO A 99 -6.44 -6.07 -7.83
N THR A 100 -7.57 -5.56 -7.35
CA THR A 100 -8.87 -5.83 -7.93
C THR A 100 -9.36 -4.58 -8.67
N GLU A 101 -9.55 -4.72 -9.99
CA GLU A 101 -10.07 -3.65 -10.84
C GLU A 101 -11.55 -3.84 -11.13
N ALA A 102 -12.27 -2.73 -11.24
CA ALA A 102 -13.70 -2.75 -11.54
C ALA A 102 -14.05 -1.63 -12.50
N SER A 103 -15.19 -1.77 -13.17
CA SER A 103 -15.73 -0.76 -14.07
C SER A 103 -16.83 0.02 -13.36
N GLY A 104 -16.87 1.33 -13.61
CA GLY A 104 -17.87 2.18 -13.03
C GLY A 104 -19.04 2.45 -13.98
N THR A 105 -20.03 3.16 -13.45
CA THR A 105 -21.15 3.61 -14.26
C THR A 105 -20.66 4.59 -15.31
N PRO A 106 -21.00 4.42 -16.58
CA PRO A 106 -20.56 5.40 -17.58
C PRO A 106 -21.22 6.76 -17.35
N LEU A 107 -20.48 7.81 -17.66
CA LEU A 107 -20.89 9.17 -17.37
C LEU A 107 -21.17 9.88 -18.69
N TYR A 108 -22.40 10.36 -18.85
CA TYR A 108 -22.77 11.11 -20.05
C TYR A 108 -21.95 12.40 -20.17
N ALA A 109 -21.27 12.58 -21.32
CA ALA A 109 -20.38 13.70 -21.54
C ALA A 109 -20.93 14.76 -22.51
N GLY A 110 -21.99 14.47 -23.26
CA GLY A 110 -22.56 15.45 -24.16
C GLY A 110 -22.93 14.83 -25.50
N LYS A 111 -23.37 15.66 -26.44
CA LYS A 111 -23.79 15.13 -27.73
C LYS A 111 -23.67 16.20 -28.81
N ASN A 112 -23.69 15.76 -30.07
CA ASN A 112 -23.74 16.69 -31.18
C ASN A 112 -24.39 16.00 -32.38
N VAL A 113 -24.78 16.80 -33.36
CA VAL A 113 -25.54 16.31 -34.51
C VAL A 113 -24.65 16.34 -35.74
N LEU A 114 -24.74 15.29 -36.54
CA LEU A 114 -24.07 15.22 -37.84
C LEU A 114 -25.18 15.24 -38.89
N ASP A 115 -25.40 16.39 -39.51
CA ASP A 115 -26.58 16.65 -40.33
C ASP A 115 -26.19 16.56 -41.80
N ASN A 116 -26.56 15.46 -42.44
CA ASN A 116 -26.41 15.33 -43.88
C ASN A 116 -27.78 15.28 -44.58
N SER A 117 -28.79 15.90 -43.95
CA SER A 117 -30.16 15.78 -44.46
C SER A 117 -30.30 16.43 -45.83
N LYS A 118 -29.51 17.46 -46.11
CA LYS A 118 -29.58 18.16 -47.39
C LYS A 118 -28.54 17.69 -48.39
N GLY A 119 -27.73 16.69 -48.03
CA GLY A 119 -26.67 16.25 -48.91
C GLY A 119 -27.15 15.21 -49.90
N THR A 120 -26.57 15.25 -51.09
CA THR A 120 -26.86 14.23 -52.11
C THR A 120 -25.80 13.15 -52.16
N MET A 121 -24.68 13.33 -51.46
CA MET A 121 -23.60 12.37 -51.39
C MET A 121 -23.43 11.88 -49.96
N ASP A 122 -23.15 10.59 -49.80
CA ASP A 122 -22.67 10.07 -48.53
C ASP A 122 -21.41 10.82 -48.11
N GLN A 123 -21.28 11.13 -46.82
CA GLN A 123 -20.14 11.88 -46.35
C GLN A 123 -19.47 11.17 -45.19
N GLU A 124 -18.18 11.43 -45.03
CA GLU A 124 -17.45 11.04 -43.83
C GLU A 124 -17.24 12.33 -43.04
N LEU A 125 -17.97 12.45 -41.93
CA LEU A 125 -18.06 13.68 -41.15
C LEU A 125 -17.33 13.49 -39.83
N LEU A 126 -16.51 14.48 -39.47
CA LEU A 126 -15.75 14.46 -38.24
C LEU A 126 -16.59 14.97 -37.07
N THR A 127 -16.57 14.21 -35.97
CA THR A 127 -17.26 14.63 -34.76
C THR A 127 -16.46 15.72 -34.05
N PRO A 128 -17.10 16.49 -33.19
CA PRO A 128 -16.34 17.36 -32.28
C PRO A 128 -15.55 16.51 -31.30
N GLU A 129 -14.66 17.17 -30.58
CA GLU A 129 -14.07 16.55 -29.39
C GLU A 129 -15.06 16.64 -28.25
N PHE A 130 -15.16 15.56 -27.46
CA PHE A 130 -15.93 15.62 -26.25
C PHE A 130 -14.96 15.71 -25.08
N ASN A 131 -15.48 16.08 -23.91
CA ASN A 131 -14.63 16.32 -22.75
CA ASN A 131 -14.63 16.32 -22.75
C ASN A 131 -15.38 15.97 -21.48
N TYR A 132 -14.64 15.84 -20.39
CA TYR A 132 -15.25 15.60 -19.09
C TYR A 132 -14.26 16.10 -18.05
N THR A 133 -14.76 16.76 -17.02
CA THR A 133 -13.93 17.24 -15.92
C THR A 133 -14.08 16.27 -14.78
N TYR A 134 -13.01 15.56 -14.47
CA TYR A 134 -13.08 14.39 -13.61
C TYR A 134 -12.10 14.55 -12.45
N THR A 135 -12.51 14.08 -11.28
CA THR A 135 -11.63 14.07 -10.11
C THR A 135 -11.12 12.65 -9.90
N GLU A 136 -9.86 12.43 -10.27
CA GLU A 136 -9.14 11.22 -9.89
C GLU A 136 -8.77 11.30 -8.42
N SER A 137 -8.88 10.16 -7.74
CA SER A 137 -8.61 10.07 -6.32
C SER A 137 -7.76 8.83 -6.06
N THR A 138 -6.75 8.98 -5.20
CA THR A 138 -6.00 7.85 -4.68
C THR A 138 -5.95 7.98 -3.17
N SER A 139 -6.33 6.92 -2.46
CA SER A 139 -6.23 6.96 -1.01
C SER A 139 -5.59 5.68 -0.49
N ASN A 140 -5.02 5.76 0.70
CA ASN A 140 -4.43 4.59 1.33
C ASN A 140 -4.74 4.65 2.83
N THR A 141 -4.62 3.49 3.48
CA THR A 141 -4.77 3.37 4.92
C THR A 141 -3.68 2.42 5.43
N THR A 142 -2.99 2.83 6.49
CA THR A 142 -2.05 1.92 7.13
C THR A 142 -2.83 1.04 8.10
N THR A 143 -2.93 -0.25 7.79
CA THR A 143 -3.78 -1.14 8.56
C THR A 143 -3.00 -1.92 9.63
N HIS A 144 -1.75 -2.25 9.36
CA HIS A 144 -0.83 -2.82 10.36
C HIS A 144 0.38 -1.90 10.39
N GLY A 145 0.38 -0.95 11.34
CA GLY A 145 1.41 0.05 11.39
C GLY A 145 2.70 -0.43 12.07
N LEU A 146 3.77 0.30 11.83
CA LEU A 146 5.07 0.06 12.46
C LEU A 146 5.44 1.32 13.23
N LYS A 147 5.51 1.21 14.56
CA LYS A 147 5.97 2.30 15.41
C LYS A 147 7.48 2.19 15.53
N LEU A 148 8.19 3.06 14.82
CA LEU A 148 9.64 2.95 14.69
C LEU A 148 10.41 3.99 15.49
N GLY A 149 9.72 4.91 16.17
CA GLY A 149 10.39 5.94 16.94
C GLY A 149 10.76 7.17 16.15
N VAL A 150 10.42 7.21 14.86
CA VAL A 150 10.70 8.33 13.98
C VAL A 150 9.68 8.25 12.85
N LYS A 151 9.25 9.41 12.37
CA LYS A 151 8.30 9.42 11.26
C LYS A 151 8.91 8.71 10.06
N THR A 152 8.18 7.73 9.54
CA THR A 152 8.68 6.87 8.48
C THR A 152 7.60 6.78 7.40
N THR A 153 8.00 7.02 6.16
CA THR A 153 7.10 7.02 5.02
C THR A 153 7.74 6.23 3.89
N ALA A 154 6.91 5.74 2.99
CA ALA A 154 7.41 5.06 1.81
C ALA A 154 6.34 5.17 0.72
N THR A 155 6.80 5.32 -0.51
CA THR A 155 5.92 5.46 -1.66
C THR A 155 5.81 4.12 -2.37
N MET A 156 4.58 3.73 -2.68
CA MET A 156 4.31 2.50 -3.38
C MET A 156 3.68 2.81 -4.74
N LYS A 157 4.17 2.14 -5.77
CA LYS A 157 3.65 2.30 -7.13
C LYS A 157 2.91 1.03 -7.56
N PHE A 158 1.83 1.23 -8.31
CA PHE A 158 1.00 0.14 -8.77
C PHE A 158 0.49 0.47 -10.17
N PRO A 159 0.28 -0.53 -11.01
CA PRO A 159 -0.33 -0.28 -12.32
C PRO A 159 -1.83 -0.12 -12.20
N ILE A 160 -2.39 0.71 -13.09
CA ILE A 160 -3.82 0.95 -13.12
C ILE A 160 -4.29 0.76 -14.56
N ALA A 161 -5.61 0.67 -14.71
CA ALA A 161 -6.27 0.60 -16.02
C ALA A 161 -5.67 -0.53 -16.85
N GLN A 162 -5.77 -1.74 -16.30
CA GLN A 162 -5.25 -2.95 -16.95
C GLN A 162 -3.83 -2.75 -17.43
N GLY A 163 -2.97 -2.26 -16.53
CA GLY A 163 -1.54 -2.16 -16.78
C GLY A 163 -1.09 -1.08 -17.72
N SER A 164 -1.95 -0.11 -18.06
CA SER A 164 -1.60 0.87 -19.08
C SER A 164 -1.02 2.16 -18.49
N MET A 165 -1.14 2.38 -17.20
CA MET A 165 -0.52 3.53 -16.56
C MET A 165 -0.01 3.12 -15.18
N GLU A 166 0.90 3.92 -14.64
CA GLU A 166 1.44 3.72 -13.30
C GLU A 166 0.97 4.83 -12.38
N ALA A 167 0.55 4.45 -11.18
CA ALA A 167 0.15 5.39 -10.14
C ALA A 167 0.90 5.08 -8.85
N SER A 168 0.83 5.99 -7.89
CA SER A 168 1.59 5.82 -6.65
C SER A 168 0.85 6.43 -5.47
N THR A 169 1.32 6.12 -4.27
CA THR A 169 0.69 6.56 -3.04
C THR A 169 1.74 6.41 -1.95
N GLU A 170 1.71 7.34 -0.99
CA GLU A 170 2.73 7.41 0.06
C GLU A 170 2.12 7.00 1.39
N TYR A 171 2.67 5.93 1.97
CA TYR A 171 2.21 5.45 3.26
C TYR A 171 2.99 6.13 4.37
N ASN A 172 2.27 6.52 5.42
CA ASN A 172 2.88 6.81 6.71
C ASN A 172 2.73 5.57 7.58
N PHE A 173 3.85 5.09 8.12
CA PHE A 173 3.87 3.79 8.78
C PHE A 173 3.13 3.77 10.12
N GLN A 174 2.70 4.91 10.65
CA GLN A 174 1.96 4.87 11.91
C GLN A 174 0.60 4.22 11.70
N ASN A 175 0.22 3.35 12.65
CA ASN A 175 -1.08 2.69 12.62
C ASN A 175 -2.21 3.70 12.37
N SER A 176 -3.14 3.34 11.49
CA SER A 176 -4.36 4.07 11.19
C SER A 176 -4.11 5.36 10.41
N SER A 177 -2.89 5.58 9.92
CA SER A 177 -2.64 6.71 9.03
C SER A 177 -3.46 6.55 7.75
N THR A 178 -4.11 7.63 7.34
CA THR A 178 -4.85 7.68 6.08
C THR A 178 -4.34 8.85 5.24
N ASP A 179 -4.23 8.63 3.94
CA ASP A 179 -3.83 9.64 2.97
C ASP A 179 -4.89 9.67 1.87
N THR A 180 -5.20 10.86 1.36
CA THR A 180 -6.03 11.01 0.16
C THR A 180 -5.45 12.11 -0.71
N LYS A 181 -5.22 11.78 -1.97
CA LYS A 181 -4.74 12.77 -2.93
CA LYS A 181 -4.68 12.71 -2.98
C LYS A 181 -5.68 12.80 -4.12
N THR A 182 -6.03 14.01 -4.56
CA THR A 182 -6.97 14.17 -5.67
C THR A 182 -6.35 15.05 -6.74
N LYS A 183 -6.66 14.73 -7.99
CA LYS A 183 -6.34 15.57 -9.13
C LYS A 183 -7.61 15.78 -9.94
N GLN A 184 -7.95 17.03 -10.22
CA GLN A 184 -8.91 17.30 -11.27
C GLN A 184 -8.17 17.20 -12.60
N VAL A 185 -8.78 16.51 -13.56
CA VAL A 185 -8.18 16.37 -14.88
C VAL A 185 -9.26 16.65 -15.91
N SER A 186 -8.81 16.99 -17.10
CA SER A 186 -9.69 17.07 -18.25
C SER A 186 -9.41 15.86 -19.13
N TYR A 187 -10.45 15.07 -19.39
CA TYR A 187 -10.40 13.99 -20.37
C TYR A 187 -10.99 14.48 -21.68
N LYS A 188 -10.35 14.11 -22.79
CA LYS A 188 -10.79 14.54 -24.11
C LYS A 188 -10.82 13.34 -25.05
N SER A 189 -11.88 13.27 -25.88
CA SER A 189 -11.96 12.26 -26.92
C SER A 189 -11.58 12.91 -28.24
N PRO A 190 -10.62 12.38 -28.99
CA PRO A 190 -10.29 12.97 -30.28
C PRO A 190 -11.46 12.86 -31.25
N SER A 191 -11.44 13.75 -32.23
CA SER A 191 -12.46 13.75 -33.28
C SER A 191 -12.47 12.42 -34.02
N GLN A 192 -13.67 11.88 -34.26
CA GLN A 192 -13.87 10.62 -34.97
C GLN A 192 -14.54 10.87 -36.32
N LYS A 193 -14.21 10.02 -37.29
CA LYS A 193 -14.76 10.08 -38.64
C LYS A 193 -15.95 9.13 -38.74
N ILE A 194 -17.12 9.67 -39.07
CA ILE A 194 -18.37 8.90 -39.14
C ILE A 194 -18.93 8.97 -40.56
N LYS A 195 -19.28 7.81 -41.13
CA LYS A 195 -19.96 7.78 -42.42
C LYS A 195 -21.44 8.10 -42.22
N VAL A 196 -21.91 9.19 -42.81
CA VAL A 196 -23.30 9.60 -42.71
C VAL A 196 -23.91 9.60 -44.11
N PRO A 197 -24.85 8.71 -44.40
CA PRO A 197 -25.38 8.61 -45.77
C PRO A 197 -26.21 9.83 -46.18
N ALA A 198 -26.26 10.04 -47.50
CA ALA A 198 -27.04 11.15 -48.06
C ALA A 198 -28.45 11.17 -47.45
N GLY A 199 -28.91 12.37 -47.10
CA GLY A 199 -30.23 12.56 -46.55
C GLY A 199 -30.41 12.13 -45.10
N LYS A 200 -29.35 11.68 -44.43
CA LYS A 200 -29.48 11.18 -43.07
C LYS A 200 -28.99 12.22 -42.06
N THR A 201 -29.60 12.21 -40.88
CA THR A 201 -29.13 13.02 -39.77
C THR A 201 -28.78 12.07 -38.63
N TYR A 202 -27.54 12.15 -38.16
CA TYR A 202 -27.06 11.30 -37.09
C TYR A 202 -26.82 12.13 -35.82
N ARG A 203 -26.95 11.48 -34.68
CA ARG A 203 -26.65 12.07 -33.39
C ARG A 203 -25.52 11.26 -32.77
N VAL A 204 -24.48 11.95 -32.29
CA VAL A 204 -23.39 11.30 -31.58
C VAL A 204 -23.52 11.63 -30.10
N LEU A 205 -23.69 10.60 -29.26
CA LEU A 205 -23.69 10.74 -27.81
C LEU A 205 -22.38 10.20 -27.25
N ALA A 206 -21.78 10.92 -26.29
CA ALA A 206 -20.49 10.54 -25.73
C ALA A 206 -20.65 10.20 -24.25
N TYR A 207 -19.96 9.14 -23.82
CA TYR A 207 -19.96 8.70 -22.44
C TYR A 207 -18.52 8.44 -22.00
N LEU A 208 -18.19 8.89 -20.80
CA LEU A 208 -16.89 8.58 -20.20
C LEU A 208 -17.02 7.28 -19.42
N ASN A 209 -16.18 6.30 -19.74
CA ASN A 209 -16.11 5.09 -18.95
C ASN A 209 -15.11 5.31 -17.81
N THR A 210 -15.41 4.75 -16.65
CA THR A 210 -14.57 4.91 -15.47
C THR A 210 -14.12 3.54 -14.94
N GLY A 211 -13.05 3.56 -14.15
CA GLY A 211 -12.60 2.37 -13.46
C GLY A 211 -12.10 2.69 -12.07
N SER A 212 -12.02 1.64 -11.26
CA SER A 212 -11.44 1.76 -9.94
C SER A 212 -10.56 0.55 -9.68
N ILE A 213 -9.68 0.70 -8.71
CA ILE A 213 -8.76 -0.36 -8.32
C ILE A 213 -8.62 -0.28 -6.80
N SER A 214 -8.43 -1.44 -6.17
CA SER A 214 -8.10 -1.47 -4.76
C SER A 214 -7.19 -2.66 -4.50
N GLY A 215 -6.39 -2.55 -3.45
CA GLY A 215 -5.47 -3.62 -3.17
C GLY A 215 -4.77 -3.44 -1.84
N GLU A 216 -3.65 -4.13 -1.72
CA GLU A 216 -2.91 -4.23 -0.48
C GLU A 216 -1.46 -3.90 -0.75
N ALA A 217 -0.80 -3.39 0.29
CA ALA A 217 0.60 -3.06 0.23
C ALA A 217 1.31 -3.74 1.40
N ASN A 218 2.53 -4.21 1.16
CA ASN A 218 3.43 -4.58 2.25
C ASN A 218 4.32 -3.38 2.59
N LEU A 219 4.43 -3.08 3.88
CA LEU A 219 5.29 -2.03 4.40
C LEU A 219 6.47 -2.69 5.10
N TYR A 220 7.69 -2.25 4.80
CA TYR A 220 8.91 -2.89 5.30
C TYR A 220 9.83 -1.85 5.89
N ALA A 221 10.47 -2.18 7.01
CA ALA A 221 11.56 -1.35 7.51
C ALA A 221 12.72 -2.27 7.86
N ASN A 222 13.92 -1.87 7.47
CA ASN A 222 15.14 -2.56 7.85
C ASN A 222 15.73 -1.80 9.03
N VAL A 223 15.87 -2.47 10.18
CA VAL A 223 16.32 -1.80 11.39
C VAL A 223 17.53 -2.54 11.96
N GLY A 224 18.44 -1.76 12.58
CA GLY A 224 19.65 -2.29 13.16
C GLY A 224 19.64 -2.14 14.68
N GLY A 225 20.56 -2.84 15.32
CA GLY A 225 20.63 -2.76 16.77
C GLY A 225 21.41 -3.91 17.37
N ILE A 226 21.69 -3.77 18.67
CA ILE A 226 22.46 -4.72 19.47
C ILE A 226 21.60 -5.09 20.67
N ALA A 227 21.38 -6.40 20.88
CA ALA A 227 20.53 -6.86 21.97
C ALA A 227 21.38 -7.22 23.19
N TRP A 228 21.00 -6.72 24.36
CA TRP A 228 21.81 -6.86 25.57
C TRP A 228 21.13 -7.84 26.52
N ARG A 229 21.87 -8.88 26.94
CA ARG A 229 21.34 -9.94 27.78
C ARG A 229 22.43 -10.38 28.76
N VAL A 230 22.03 -10.78 29.95
CA VAL A 230 22.97 -11.57 30.74
C VAL A 230 22.88 -13.00 30.27
N SER A 231 24.01 -13.69 30.36
CA SER A 231 24.19 -15.02 29.77
C SER A 231 25.32 -15.72 30.52
N PRO A 232 25.44 -17.05 30.38
CA PRO A 232 26.53 -17.74 31.10
C PRO A 232 27.90 -17.17 30.80
N GLY A 233 28.20 -16.87 29.53
CA GLY A 233 29.47 -16.28 29.18
C GLY A 233 29.64 -14.81 29.56
N TYR A 234 28.54 -14.07 29.75
CA TYR A 234 28.58 -12.64 30.11
C TYR A 234 27.61 -12.39 31.25
N PRO A 235 27.99 -12.74 32.48
CA PRO A 235 27.04 -12.61 33.61
C PRO A 235 26.68 -11.17 33.96
N ASN A 236 27.48 -10.18 33.56
CA ASN A 236 27.13 -8.79 33.76
C ASN A 236 26.48 -8.18 32.53
N GLY A 237 26.33 -8.95 31.45
CA GLY A 237 25.68 -8.46 30.25
C GLY A 237 26.60 -8.42 29.06
N GLY A 238 26.07 -8.78 27.90
CA GLY A 238 26.79 -8.64 26.66
C GLY A 238 25.79 -8.41 25.55
N GLY A 239 26.29 -7.88 24.44
CA GLY A 239 25.43 -7.47 23.33
C GLY A 239 25.76 -8.24 22.08
N VAL A 240 24.72 -8.63 21.35
CA VAL A 240 24.85 -9.31 20.07
C VAL A 240 23.86 -8.66 19.09
N ASN A 241 24.26 -8.53 17.83
CA ASN A 241 23.39 -7.89 16.81
C ASN A 241 22.03 -8.59 16.73
N ILE A 242 21.00 -7.79 16.44
CA ILE A 242 19.64 -8.30 16.54
C ILE A 242 19.38 -9.36 15.46
N GLY A 243 20.07 -9.28 14.32
CA GLY A 243 19.84 -10.28 13.28
C GLY A 243 20.17 -11.68 13.74
N ALA A 244 21.29 -11.83 14.45
CA ALA A 244 21.67 -13.14 14.96
C ALA A 244 20.76 -13.56 16.11
N VAL A 245 20.39 -12.63 16.98
CA VAL A 245 19.52 -12.99 18.08
C VAL A 245 18.14 -13.39 17.55
N LEU A 246 17.63 -12.67 16.54
CA LEU A 246 16.34 -13.07 15.98
C LEU A 246 16.43 -14.45 15.31
N THR A 247 17.51 -14.69 14.58
CA THR A 247 17.65 -16.00 13.93
C THR A 247 17.58 -17.12 14.95
N LYS A 248 18.24 -16.94 16.10
CA LYS A 248 18.24 -17.96 17.14
C LYS A 248 16.84 -18.14 17.72
N CYS A 249 16.19 -17.02 18.06
CA CYS A 249 14.91 -17.07 18.73
C CYS A 249 13.84 -17.71 17.84
N GLN A 250 13.89 -17.42 16.54
CA GLN A 250 12.94 -18.04 15.61
C GLN A 250 13.21 -19.53 15.44
N GLN A 251 14.49 -19.92 15.37
CA GLN A 251 14.83 -21.35 15.33
C GLN A 251 14.35 -22.08 16.58
N LYS A 252 14.48 -21.45 17.76
CA LYS A 252 14.10 -22.07 19.03
C LYS A 252 12.62 -22.01 19.33
N GLY A 253 11.86 -21.14 18.66
CA GLY A 253 10.50 -20.96 19.12
C GLY A 253 10.37 -20.08 20.34
N TRP A 254 11.33 -19.21 20.61
CA TRP A 254 11.26 -18.32 21.76
C TRP A 254 10.59 -17.00 21.36
N GLY A 255 9.32 -16.83 21.74
CA GLY A 255 8.59 -15.62 21.45
C GLY A 255 7.97 -15.61 20.06
N ASP A 256 7.04 -14.67 19.87
CA ASP A 256 6.29 -14.51 18.62
C ASP A 256 6.90 -13.34 17.84
N PHE A 257 7.67 -13.64 16.81
CA PHE A 257 8.22 -12.59 15.95
C PHE A 257 7.84 -12.84 14.51
N ARG A 258 6.56 -13.15 14.27
CA ARG A 258 6.12 -13.63 12.97
C ARG A 258 6.31 -12.60 11.86
N ASN A 259 6.31 -11.31 12.19
CA ASN A 259 6.47 -10.28 11.16
CA ASN A 259 6.47 -10.29 11.17
C ASN A 259 7.88 -9.70 11.15
N PHE A 260 8.87 -10.45 11.67
CA PHE A 260 10.26 -10.07 11.62
C PHE A 260 11.02 -11.11 10.82
N GLN A 261 12.07 -10.66 10.12
CA GLN A 261 12.90 -11.53 9.32
C GLN A 261 14.33 -11.08 9.49
N PRO A 262 15.28 -11.99 9.73
CA PRO A 262 16.68 -11.57 9.82
C PRO A 262 17.23 -11.16 8.46
N SER A 263 18.17 -10.22 8.50
CA SER A 263 18.82 -9.77 7.28
C SER A 263 20.26 -9.42 7.66
N GLY A 264 21.10 -10.45 7.74
CA GLY A 264 22.45 -10.26 8.24
C GLY A 264 22.40 -9.81 9.70
N ARG A 265 23.11 -8.71 10.00
CA ARG A 265 23.07 -8.16 11.35
C ARG A 265 21.79 -7.40 11.67
N ASP A 266 20.97 -7.08 10.68
CA ASP A 266 19.75 -6.30 10.86
C ASP A 266 18.54 -7.23 10.86
N VAL A 267 17.36 -6.64 11.07
CA VAL A 267 16.10 -7.36 10.90
C VAL A 267 15.20 -6.50 10.01
N ILE A 268 14.34 -7.18 9.27
CA ILE A 268 13.30 -6.52 8.47
C ILE A 268 11.97 -6.76 9.16
N VAL A 269 11.22 -5.70 9.41
CA VAL A 269 9.92 -5.80 10.05
C VAL A 269 8.85 -5.41 9.03
N LYS A 270 7.72 -6.11 9.05
CA LYS A 270 6.70 -5.98 8.00
C LYS A 270 5.41 -5.46 8.60
N GLY A 271 4.81 -4.46 7.95
CA GLY A 271 3.45 -4.02 8.22
C GLY A 271 2.61 -4.09 6.95
N GLN A 272 1.45 -3.47 6.95
CA GLN A 272 0.49 -3.63 5.86
C GLN A 272 -0.33 -2.36 5.66
N GLY A 273 -0.74 -2.13 4.40
CA GLY A 273 -1.69 -1.08 4.12
C GLY A 273 -2.66 -1.51 3.02
N THR A 274 -3.67 -0.67 2.81
CA THR A 274 -4.61 -0.83 1.70
C THR A 274 -4.57 0.43 0.85
N PHE A 275 -5.07 0.32 -0.38
CA PHE A 275 -5.16 1.51 -1.23
C PHE A 275 -6.34 1.37 -2.18
N LYS A 276 -6.77 2.50 -2.72
CA LYS A 276 -7.80 2.48 -3.76
C LYS A 276 -7.60 3.70 -4.64
N SER A 277 -8.13 3.61 -5.87
CA SER A 277 -7.91 4.68 -6.84
C SER A 277 -9.03 4.62 -7.87
N ASN A 278 -9.40 5.79 -8.41
CA ASN A 278 -10.41 5.84 -9.46
C ASN A 278 -9.98 6.81 -10.56
N TYR A 279 -10.50 6.57 -11.76
CA TYR A 279 -9.96 7.22 -12.95
C TYR A 279 -10.92 6.96 -14.11
N GLY A 280 -10.85 7.83 -15.11
CA GLY A 280 -11.48 7.52 -16.38
C GLY A 280 -10.64 6.54 -17.17
N THR A 281 -11.32 5.72 -17.97
CA THR A 281 -10.65 4.72 -18.81
C THR A 281 -10.65 5.06 -20.29
N ASP A 282 -11.83 5.33 -20.86
CA ASP A 282 -11.90 5.75 -22.26
C ASP A 282 -13.29 6.35 -22.50
N PHE A 283 -13.52 6.79 -23.73
CA PHE A 283 -14.85 7.22 -24.17
C PHE A 283 -15.48 6.16 -25.05
N ILE A 284 -16.79 5.99 -24.93
CA ILE A 284 -17.60 5.30 -25.91
C ILE A 284 -18.51 6.32 -26.60
N LEU A 285 -18.47 6.34 -27.93
CA LEU A 285 -19.38 7.15 -28.74
C LEU A 285 -20.49 6.26 -29.29
N LYS A 286 -21.72 6.68 -29.10
CA LYS A 286 -22.91 5.98 -29.57
C LYS A 286 -23.53 6.81 -30.69
N ILE A 287 -23.68 6.21 -31.86
CA ILE A 287 -24.16 6.89 -33.06
C ILE A 287 -25.61 6.48 -33.29
N GLU A 288 -26.51 7.47 -33.32
CA GLU A 288 -27.94 7.22 -33.49
C GLU A 288 -28.44 7.85 -34.78
N ASP A 289 -29.28 7.13 -35.51
CA ASP A 289 -29.96 7.66 -36.69
C ASP A 289 -31.23 8.35 -36.22
N ILE A 290 -31.27 9.67 -36.35
CA ILE A 290 -32.44 10.44 -35.94
C ILE A 290 -33.12 11.08 -37.15
N THR A 291 -32.86 10.56 -38.34
CA THR A 291 -33.48 11.09 -39.55
C THR A 291 -35.00 11.16 -39.42
N ASP A 292 -35.63 10.05 -39.04
CA ASP A 292 -37.08 10.05 -38.79
C ASP A 292 -37.48 10.83 -37.52
N SER A 293 -36.55 11.58 -36.92
CA SER A 293 -36.81 12.48 -35.79
C SER A 293 -37.14 11.70 -34.51
N GLY A 300 -36.31 12.83 -28.67
CA GLY A 300 -36.54 11.79 -29.65
C GLY A 300 -35.30 10.97 -29.98
N SER A 301 -35.15 9.83 -29.28
CA SER A 301 -34.06 8.93 -29.58
C SER A 301 -34.35 8.14 -30.84
N GLY A 302 -33.28 7.69 -31.50
CA GLY A 302 -33.41 6.92 -32.71
C GLY A 302 -32.58 5.65 -32.68
N THR A 303 -32.52 4.94 -33.80
CA THR A 303 -31.82 3.67 -33.86
C THR A 303 -30.32 3.85 -33.71
N VAL A 304 -29.70 3.02 -32.86
CA VAL A 304 -28.25 3.02 -32.77
C VAL A 304 -27.67 2.34 -34.00
N VAL A 305 -26.72 3.00 -34.63
CA VAL A 305 -26.12 2.54 -35.88
C VAL A 305 -24.68 2.06 -35.69
N GLN A 306 -23.99 2.55 -34.68
CA GLN A 306 -22.57 2.29 -34.52
C GLN A 306 -22.18 2.71 -33.10
N GLU A 307 -21.21 2.00 -32.54
CA GLU A 307 -20.57 2.41 -31.29
C GLU A 307 -19.06 2.33 -31.47
N ILE A 308 -18.35 3.30 -30.89
CA ILE A 308 -16.91 3.41 -31.05
C ILE A 308 -16.30 3.60 -29.67
N LYS A 309 -15.31 2.77 -29.34
CA LYS A 309 -14.46 2.99 -28.18
C LYS A 309 -13.31 3.89 -28.59
N VAL A 310 -13.11 4.99 -27.86
CA VAL A 310 -12.15 6.01 -28.21
C VAL A 310 -11.17 6.16 -27.05
N PRO A 311 -9.87 6.09 -27.28
CA PRO A 311 -8.91 6.33 -26.18
C PRO A 311 -8.91 7.79 -25.80
N LEU A 312 -8.88 8.07 -24.49
CA LEU A 312 -8.94 9.46 -24.03
C LEU A 312 -7.55 10.10 -24.01
N ILE A 313 -7.55 11.43 -24.01
CA ILE A 313 -6.35 12.23 -23.82
C ILE A 313 -6.51 12.96 -22.50
N ARG A 314 -5.51 12.81 -21.62
CA ARG A 314 -5.61 13.26 -20.23
C ARG A 314 -4.75 14.50 -20.03
N THR A 315 -5.34 15.52 -19.41
CA THR A 315 -4.63 16.75 -19.06
C THR A 315 -4.95 17.12 -17.63
N GLU A 316 -3.93 17.21 -16.77
CA GLU A 316 -4.16 17.59 -15.38
CA GLU A 316 -4.14 17.59 -15.39
C GLU A 316 -4.40 19.09 -15.30
N ILE A 317 -5.34 19.49 -14.44
CA ILE A 317 -5.54 20.92 -14.18
C ILE A 317 -5.06 21.22 -12.77
N HIS A 318 -5.76 20.69 -11.75
CA HIS A 318 -5.56 21.02 -10.35
C HIS A 318 -5.24 19.77 -9.54
N HIS A 319 -4.48 19.94 -8.45
CA HIS A 319 -4.12 18.83 -7.56
C HIS A 319 -4.23 19.27 -6.11
N HIS A 320 -4.49 18.30 -5.22
CA HIS A 320 -4.63 18.57 -3.79
C HIS A 320 -4.22 17.34 -2.99
N HIS A 321 -3.41 17.57 -1.95
CA HIS A 321 -2.93 16.52 -1.05
C HIS A 321 -3.46 16.75 0.36
N ALA A 322 -3.79 15.65 1.05
CA ALA A 322 -4.18 15.67 2.44
C ALA A 322 -3.70 14.39 3.11
N HIS A 323 -3.41 14.48 4.42
CA HIS A 323 -3.10 13.31 5.23
C HIS A 323 -3.79 13.44 6.58
N HIS A 324 -4.33 12.33 7.07
CA HIS A 324 -5.06 12.31 8.34
C HIS A 324 -4.38 11.41 9.39
#